data_5F1Z
#
_entry.id   5F1Z
#
_cell.length_a   47.805
_cell.length_b   47.805
_cell.length_c   476.248
_cell.angle_alpha   90.000
_cell.angle_beta   90.000
_cell.angle_gamma   120.000
#
_symmetry.space_group_name_H-M   'P 61 2 2'
#
loop_
_entity.id
_entity.type
_entity.pdbx_description
1 polymer 'Non-receptor tyrosine-protein kinase TYK2'
2 non-polymer 3-azanyl-5-[(2~{S})-3-methylbutan-2-yl]-7-[1-methyl-5-(2-oxidanylpropan-2-yl)pyrazol-3-yl]-1~{H}-pyrazolo[4,3-c]pyridin-4-one
3 water water
#
_entity_poly.entity_id   1
_entity_poly.type   'polypeptide(L)'
_entity_poly.pdbx_seq_one_letter_code
;MGSPASDPTVFHKRYLKKIRDLGEGHFGKVSLYCYDPTNDGTGEMVAVKALKADCGPQHRSGWKQEIDILRTLYHEHIIK
YKGCCEDQGEKSLQLVMEYVPLGSLRDYLPRHSIGLAQLLLFAQQICEGMAYLHSQHYIHRNLAARNVLLDNDRLVKIGD
FGLAKAVPEGHEYYRVREDGDSPVFWYAPECLKEYKFYYASDVWSFGVTLYELLTHCDSSQSPPTKFLELIGIAQGQMTV
LRLTELLERGERLPRPDKCPCEVYHLMKNCWETEASFRPTFENLIPILKTVHEKYHHHHHH
;
_entity_poly.pdbx_strand_id   A
#
# COMPACT_ATOMS: atom_id res chain seq x y z
N ALA A 5 34.28 12.68 -1.18
CA ALA A 5 34.24 11.25 -0.73
C ALA A 5 33.48 11.10 0.59
N SER A 6 32.29 10.50 0.53
CA SER A 6 31.47 10.23 1.72
C SER A 6 30.28 9.29 1.40
N ASP A 7 29.47 9.00 2.41
CA ASP A 7 28.30 8.11 2.27
C ASP A 7 27.22 8.76 1.39
N PRO A 8 26.81 8.07 0.30
CA PRO A 8 25.72 8.61 -0.54
C PRO A 8 24.37 8.70 0.19
N THR A 9 24.15 7.85 1.19
CA THR A 9 22.89 7.84 1.95
C THR A 9 22.75 9.03 2.90
N VAL A 10 23.78 9.86 3.02
CA VAL A 10 23.71 11.04 3.87
C VAL A 10 23.41 12.28 3.02
N PHE A 11 22.23 12.85 3.22
CA PHE A 11 21.77 14.00 2.45
C PHE A 11 21.89 15.29 3.28
N HIS A 12 22.40 16.34 2.66
CA HIS A 12 22.65 17.61 3.35
C HIS A 12 21.65 18.69 2.96
N LYS A 13 21.03 19.28 3.97
CA LYS A 13 19.94 20.27 3.81
C LYS A 13 20.26 21.41 2.85
N ARG A 14 21.53 21.81 2.79
CA ARG A 14 21.91 22.95 1.93
C ARG A 14 21.73 22.66 0.43
N TYR A 15 21.72 21.39 0.01
CA TYR A 15 21.51 21.03 -1.40
C TYR A 15 20.10 20.53 -1.73
N LEU A 16 19.19 20.57 -0.76
CA LEU A 16 17.80 20.19 -0.98
C LEU A 16 16.97 21.45 -1.15
N LYS A 17 16.37 21.63 -2.32
CA LYS A 17 15.44 22.72 -2.55
C LYS A 17 14.07 22.15 -2.88
N LYS A 18 13.05 22.60 -2.16
CA LYS A 18 11.70 22.04 -2.27
C LYS A 18 10.97 22.57 -3.50
N ILE A 19 10.39 21.66 -4.27
CA ILE A 19 9.62 22.01 -5.47
C ILE A 19 8.14 22.17 -5.08
N ARG A 20 7.56 21.14 -4.48
CA ARG A 20 6.18 21.21 -3.99
C ARG A 20 5.86 20.13 -2.95
N ASP A 21 4.67 20.22 -2.37
CA ASP A 21 4.16 19.17 -1.50
C ASP A 21 3.54 18.09 -2.40
N LEU A 22 3.71 16.83 -2.02
CA LEU A 22 3.16 15.72 -2.80
C LEU A 22 1.91 15.14 -2.15
N GLY A 23 1.94 14.94 -0.84
CA GLY A 23 0.80 14.37 -0.15
C GLY A 23 1.07 14.14 1.31
N GLU A 24 0.08 13.59 1.98
CA GLU A 24 0.22 13.23 3.39
C GLU A 24 0.44 11.72 3.47
N GLY A 25 1.68 11.33 3.74
CA GLY A 25 1.98 9.94 4.04
C GLY A 25 1.55 9.66 5.46
N HIS A 26 1.33 8.40 5.79
CA HIS A 26 0.96 8.07 7.15
C HIS A 26 2.14 8.42 8.05
N PHE A 27 1.84 9.17 9.12
CA PHE A 27 2.84 9.69 10.06
C PHE A 27 3.79 10.73 9.46
N GLY A 28 3.49 11.28 8.30
CA GLY A 28 4.41 12.24 7.71
C GLY A 28 4.05 12.78 6.34
N LYS A 29 4.11 14.10 6.21
CA LYS A 29 3.89 14.75 4.93
C LYS A 29 5.06 14.43 4.01
N VAL A 30 4.76 14.07 2.77
CA VAL A 30 5.78 13.87 1.75
C VAL A 30 5.85 15.11 0.88
N SER A 31 7.04 15.41 0.38
CA SER A 31 7.27 16.58 -0.48
C SER A 31 8.27 16.20 -1.56
N LEU A 32 8.38 17.03 -2.58
CA LEU A 32 9.33 16.81 -3.66
C LEU A 32 10.47 17.83 -3.55
N TYR A 33 11.70 17.35 -3.72
CA TYR A 33 12.90 18.16 -3.57
C TYR A 33 13.87 17.92 -4.71
N CYS A 34 14.61 18.96 -5.06
CA CYS A 34 15.74 18.83 -5.97
C CYS A 34 17.03 18.74 -5.16
N TYR A 35 17.76 17.63 -5.34
CA TYR A 35 19.00 17.43 -4.62
C TYR A 35 20.16 17.61 -5.58
N ASP A 36 20.83 18.76 -5.48
CA ASP A 36 21.97 19.11 -6.33
C ASP A 36 23.23 19.27 -5.48
N PRO A 37 23.74 18.16 -4.92
CA PRO A 37 24.92 18.23 -4.04
C PRO A 37 26.17 18.80 -4.70
N THR A 38 26.36 18.52 -5.99
CA THR A 38 27.53 19.00 -6.75
C THR A 38 27.28 20.31 -7.51
N ASN A 39 26.12 20.92 -7.31
CA ASN A 39 25.77 22.20 -7.94
C ASN A 39 25.88 22.22 -9.47
N ASP A 40 25.58 21.09 -10.10
CA ASP A 40 25.73 20.92 -11.55
C ASP A 40 24.58 21.50 -12.36
N GLY A 41 23.56 22.04 -11.68
CA GLY A 41 22.44 22.73 -12.33
C GLY A 41 21.20 21.90 -12.53
N THR A 42 21.31 20.59 -12.28
CA THR A 42 20.22 19.63 -12.54
C THR A 42 19.91 18.78 -11.30
N GLY A 43 20.92 18.15 -10.73
CA GLY A 43 20.73 17.31 -9.55
C GLY A 43 19.78 16.17 -9.84
N GLU A 44 19.01 15.76 -8.83
CA GLU A 44 17.96 14.76 -9.03
C GLU A 44 16.71 15.08 -8.21
N MET A 45 15.56 14.66 -8.74
CA MET A 45 14.32 14.75 -8.00
C MET A 45 14.31 13.61 -7.01
N VAL A 46 13.78 13.87 -5.81
CA VAL A 46 13.60 12.87 -4.77
C VAL A 46 12.36 13.22 -3.94
N ALA A 47 11.75 12.20 -3.36
CA ALA A 47 10.65 12.41 -2.44
C ALA A 47 11.22 12.41 -1.02
N VAL A 48 10.62 13.24 -0.16
CA VAL A 48 11.13 13.40 1.17
C VAL A 48 9.96 13.43 2.14
N LYS A 49 10.01 12.53 3.12
CA LYS A 49 8.94 12.39 4.08
C LYS A 49 9.44 12.85 5.45
N ALA A 50 8.73 13.77 6.08
CA ALA A 50 9.15 14.29 7.38
C ALA A 50 8.57 13.42 8.49
N LEU A 51 9.44 12.90 9.36
CA LEU A 51 9.04 12.09 10.49
C LEU A 51 9.46 12.77 11.78
N LYS A 52 8.70 12.53 12.86
CA LYS A 52 8.95 13.15 14.18
C LYS A 52 9.70 12.22 15.13
N SER A 61 7.97 6.10 19.69
CA SER A 61 8.62 4.75 19.78
C SER A 61 9.13 4.30 18.41
N GLY A 62 8.22 3.86 17.54
CA GLY A 62 8.55 3.35 16.20
C GLY A 62 8.39 4.37 15.09
N TRP A 63 8.71 5.63 15.38
CA TRP A 63 8.54 6.71 14.40
C TRP A 63 9.62 6.71 13.31
N LYS A 64 10.72 6.00 13.54
CA LYS A 64 11.75 5.79 12.51
C LYS A 64 11.58 4.44 11.80
N GLN A 65 10.62 3.64 12.23
CA GLN A 65 10.58 2.24 11.78
C GLN A 65 10.40 2.13 10.27
N GLU A 66 9.84 3.17 9.64
CA GLU A 66 9.69 3.20 8.20
C GLU A 66 11.03 3.29 7.49
N ILE A 67 11.97 4.04 8.06
CA ILE A 67 13.32 4.09 7.50
C ILE A 67 14.05 2.78 7.76
N ASP A 68 13.92 2.27 8.98
CA ASP A 68 14.61 1.04 9.37
C ASP A 68 14.20 -0.12 8.46
N ILE A 69 12.93 -0.19 8.15
CA ILE A 69 12.42 -1.24 7.30
C ILE A 69 12.80 -1.04 5.83
N LEU A 70 12.52 0.14 5.32
CA LEU A 70 12.61 0.39 3.87
C LEU A 70 14.07 0.35 3.38
N ARG A 71 15.01 0.67 4.26
CA ARG A 71 16.42 0.61 3.91
C ARG A 71 16.97 -0.82 3.79
N THR A 72 16.24 -1.82 4.31
CA THR A 72 16.66 -3.21 4.22
C THR A 72 16.05 -3.93 3.02
N LEU A 73 15.32 -3.21 2.18
CA LEU A 73 14.59 -3.79 1.05
C LEU A 73 15.14 -3.31 -0.29
N TYR A 74 15.31 -4.26 -1.21
CA TYR A 74 15.75 -3.95 -2.58
C TYR A 74 14.93 -4.77 -3.57
N HIS A 75 13.97 -4.11 -4.22
CA HIS A 75 13.09 -4.78 -5.18
C HIS A 75 12.42 -3.75 -6.10
N GLU A 76 12.36 -4.08 -7.38
CA GLU A 76 11.81 -3.18 -8.40
C GLU A 76 10.42 -2.63 -8.09
N HIS A 77 9.59 -3.40 -7.38
CA HIS A 77 8.21 -3.01 -7.10
C HIS A 77 7.98 -2.46 -5.69
N ILE A 78 9.06 -2.25 -4.95
CA ILE A 78 9.01 -1.51 -3.70
C ILE A 78 9.80 -0.23 -3.87
N ILE A 79 9.22 0.88 -3.41
CA ILE A 79 9.85 2.18 -3.51
C ILE A 79 11.23 2.17 -2.85
N LYS A 80 12.22 2.74 -3.53
CA LYS A 80 13.63 2.56 -3.16
C LYS A 80 14.17 3.59 -2.17
N TYR A 81 14.70 3.10 -1.05
CA TYR A 81 15.37 3.95 -0.08
C TYR A 81 16.63 4.54 -0.69
N LYS A 82 16.80 5.86 -0.52
CA LYS A 82 17.96 6.57 -1.03
C LYS A 82 18.88 7.01 0.09
N GLY A 83 18.31 7.61 1.13
CA GLY A 83 19.10 8.06 2.28
C GLY A 83 18.33 8.80 3.35
N CYS A 84 19.02 9.69 4.04
CA CYS A 84 18.46 10.38 5.19
C CYS A 84 19.02 11.77 5.32
N CYS A 85 18.31 12.62 6.06
CA CYS A 85 18.73 13.98 6.33
C CYS A 85 18.25 14.43 7.70
N GLU A 86 19.18 14.73 8.61
CA GLU A 86 18.84 15.20 9.95
C GLU A 86 19.66 16.42 10.34
N ASP A 87 19.44 17.51 9.61
CA ASP A 87 20.18 18.77 9.80
C ASP A 87 19.31 19.81 10.51
N LYS A 91 15.63 15.02 17.01
CA LYS A 91 14.31 15.68 16.99
C LYS A 91 13.47 15.10 15.86
N SER A 92 13.88 15.42 14.63
CA SER A 92 13.13 15.07 13.43
C SER A 92 14.05 14.31 12.47
N LEU A 93 13.50 13.95 11.31
CA LEU A 93 14.21 13.12 10.36
C LEU A 93 13.51 13.19 9.01
N GLN A 94 14.30 13.21 7.94
CA GLN A 94 13.74 13.22 6.60
C GLN A 94 14.18 11.97 5.87
N LEU A 95 13.23 11.10 5.59
CA LEU A 95 13.47 9.93 4.75
C LEU A 95 13.53 10.37 3.31
N VAL A 96 14.60 10.01 2.60
CA VAL A 96 14.72 10.35 1.21
C VAL A 96 14.50 9.10 0.38
N MET A 97 13.51 9.17 -0.52
CA MET A 97 13.14 8.07 -1.40
C MET A 97 13.25 8.51 -2.84
N GLU A 98 13.23 7.56 -3.76
CA GLU A 98 13.03 7.87 -5.17
C GLU A 98 11.72 8.64 -5.37
N TYR A 99 11.70 9.51 -6.37
CA TYR A 99 10.48 10.18 -6.80
C TYR A 99 9.77 9.31 -7.82
N VAL A 100 8.58 8.85 -7.46
CA VAL A 100 7.71 8.09 -8.36
C VAL A 100 6.74 9.10 -9.00
N PRO A 101 7.03 9.52 -10.25
CA PRO A 101 6.48 10.76 -10.81
C PRO A 101 5.00 10.78 -11.20
N LEU A 102 4.36 9.62 -11.36
CA LEU A 102 2.94 9.60 -11.75
C LEU A 102 2.00 9.56 -10.54
N GLY A 103 2.55 9.47 -9.34
CA GLY A 103 1.74 9.43 -8.13
C GLY A 103 0.99 8.13 -7.95
N SER A 104 -0.09 8.19 -7.18
CA SER A 104 -0.80 6.98 -6.74
C SER A 104 -1.91 6.58 -7.72
N LEU A 105 -2.30 5.32 -7.65
CA LEU A 105 -3.38 4.81 -8.48
C LEU A 105 -4.71 5.46 -8.12
N ARG A 106 -4.93 5.74 -6.84
CA ARG A 106 -6.17 6.41 -6.44
C ARG A 106 -6.39 7.70 -7.22
N ASP A 107 -5.33 8.50 -7.37
CA ASP A 107 -5.44 9.77 -8.08
C ASP A 107 -5.20 9.61 -9.60
N TYR A 108 -4.52 8.54 -9.99
CA TYR A 108 -4.29 8.26 -11.40
C TYR A 108 -5.53 7.67 -12.08
N LEU A 109 -6.02 6.53 -11.59
CA LEU A 109 -7.06 5.77 -12.29
C LEU A 109 -8.34 6.51 -12.64
N PRO A 110 -8.85 7.38 -11.73
CA PRO A 110 -10.04 8.18 -12.07
C PRO A 110 -9.86 9.18 -13.20
N ARG A 111 -8.63 9.60 -13.48
CA ARG A 111 -8.36 10.64 -14.46
C ARG A 111 -7.79 10.11 -15.78
N HIS A 112 -7.63 8.79 -15.90
CA HIS A 112 -7.06 8.16 -17.10
C HIS A 112 -7.80 6.89 -17.49
N SER A 113 -7.95 6.69 -18.80
CA SER A 113 -8.57 5.48 -19.35
C SER A 113 -7.57 4.32 -19.22
N ILE A 114 -8.04 3.18 -18.69
CA ILE A 114 -7.18 2.01 -18.43
C ILE A 114 -7.94 0.70 -18.63
N GLY A 115 -7.45 -0.16 -19.51
CA GLY A 115 -8.09 -1.44 -19.79
C GLY A 115 -7.97 -2.43 -18.64
N LEU A 116 -8.64 -3.57 -18.81
CA LEU A 116 -8.68 -4.62 -17.77
C LEU A 116 -7.33 -5.33 -17.58
N ALA A 117 -6.66 -5.69 -18.68
CA ALA A 117 -5.36 -6.37 -18.61
C ALA A 117 -4.29 -5.53 -17.90
N GLN A 118 -4.26 -4.24 -18.23
CA GLN A 118 -3.34 -3.32 -17.58
C GLN A 118 -3.56 -3.31 -16.05
N LEU A 119 -4.83 -3.36 -15.64
CA LEU A 119 -5.16 -3.43 -14.25
C LEU A 119 -4.71 -4.76 -13.64
N LEU A 120 -4.83 -5.85 -14.40
CA LEU A 120 -4.42 -7.16 -13.90
C LEU A 120 -2.92 -7.23 -13.78
N LEU A 121 -2.22 -6.45 -14.59
CA LEU A 121 -0.77 -6.38 -14.53
C LEU A 121 -0.26 -5.58 -13.31
N PHE A 122 -0.95 -4.48 -12.99
CA PHE A 122 -0.67 -3.74 -11.76
C PHE A 122 -0.90 -4.59 -10.52
N ALA A 123 -1.96 -5.41 -10.55
CA ALA A 123 -2.23 -6.33 -9.44
C ALA A 123 -1.10 -7.34 -9.30
N GLN A 124 -0.65 -7.89 -10.42
CA GLN A 124 0.42 -8.88 -10.41
C GLN A 124 1.67 -8.30 -9.76
N GLN A 125 2.03 -7.10 -10.16
CA GLN A 125 3.24 -6.43 -9.69
C GLN A 125 3.22 -6.19 -8.19
N ILE A 126 2.05 -5.82 -7.69
CA ILE A 126 1.85 -5.64 -6.26
C ILE A 126 2.17 -6.95 -5.55
N CYS A 127 1.67 -8.07 -6.07
CA CYS A 127 1.92 -9.38 -5.46
C CYS A 127 3.39 -9.76 -5.48
N GLU A 128 4.07 -9.39 -6.56
CA GLU A 128 5.51 -9.67 -6.68
C GLU A 128 6.27 -8.96 -5.55
N GLY A 129 5.98 -7.67 -5.40
CA GLY A 129 6.59 -6.86 -4.34
C GLY A 129 6.25 -7.35 -2.94
N MET A 130 5.00 -7.76 -2.74
CA MET A 130 4.54 -8.21 -1.42
C MET A 130 5.04 -9.60 -1.05
N ALA A 131 5.28 -10.44 -2.05
CA ALA A 131 5.87 -11.76 -1.82
C ALA A 131 7.28 -11.58 -1.30
N TYR A 132 8.02 -10.68 -1.94
CA TYR A 132 9.36 -10.33 -1.48
C TYR A 132 9.29 -9.80 -0.05
N LEU A 133 8.45 -8.79 0.16
CA LEU A 133 8.33 -8.15 1.47
C LEU A 133 8.13 -9.15 2.58
N HIS A 134 7.16 -10.05 2.40
CA HIS A 134 6.89 -11.11 3.36
C HIS A 134 8.07 -12.08 3.52
N SER A 135 8.79 -12.35 2.44
CA SER A 135 10.01 -13.19 2.53
C SER A 135 11.03 -12.55 3.49
N GLN A 136 11.11 -11.22 3.46
CA GLN A 136 11.98 -10.47 4.38
C GLN A 136 11.39 -10.32 5.78
N HIS A 137 10.28 -11.01 6.07
CA HIS A 137 9.59 -10.97 7.36
C HIS A 137 9.05 -9.60 7.78
N TYR A 138 8.43 -8.89 6.83
CA TYR A 138 7.70 -7.66 7.14
C TYR A 138 6.27 -7.76 6.67
N ILE A 139 5.38 -7.04 7.36
CA ILE A 139 4.01 -6.81 6.91
C ILE A 139 3.85 -5.32 6.56
N HIS A 140 2.97 -5.00 5.62
CA HIS A 140 2.83 -3.63 5.14
C HIS A 140 1.78 -2.85 5.95
N ARG A 141 0.64 -3.50 6.21
CA ARG A 141 -0.46 -2.95 7.05
C ARG A 141 -1.14 -1.70 6.49
N ASN A 142 -0.93 -1.44 5.20
CA ASN A 142 -1.43 -0.23 4.57
C ASN A 142 -1.51 -0.37 3.04
N LEU A 143 -1.84 -1.57 2.58
CA LEU A 143 -1.86 -1.84 1.16
C LEU A 143 -3.18 -1.36 0.57
N ALA A 144 -3.13 -0.19 -0.06
CA ALA A 144 -4.28 0.45 -0.68
C ALA A 144 -3.82 1.14 -1.96
N ALA A 145 -4.73 1.34 -2.90
CA ALA A 145 -4.41 1.98 -4.19
C ALA A 145 -3.72 3.32 -3.99
N ARG A 146 -4.15 4.01 -2.96
CA ARG A 146 -3.58 5.27 -2.48
C ARG A 146 -2.08 5.20 -2.20
N ASN A 147 -1.61 4.04 -1.74
CA ASN A 147 -0.18 3.85 -1.38
C ASN A 147 0.61 3.01 -2.38
N VAL A 148 0.06 2.81 -3.58
CA VAL A 148 0.77 2.15 -4.68
C VAL A 148 1.00 3.20 -5.76
N LEU A 149 2.25 3.31 -6.22
CA LEU A 149 2.65 4.41 -7.09
C LEU A 149 3.11 3.90 -8.44
N LEU A 150 3.00 4.76 -9.45
CA LEU A 150 3.41 4.43 -10.82
C LEU A 150 4.62 5.25 -11.26
N ASP A 151 5.62 4.59 -11.85
CA ASP A 151 6.78 5.28 -12.41
C ASP A 151 6.47 5.71 -13.85
N ASN A 152 7.50 5.99 -14.65
CA ASN A 152 7.31 6.40 -16.05
C ASN A 152 6.83 5.28 -16.98
N ASP A 153 7.28 4.05 -16.72
CA ASP A 153 6.85 2.88 -17.51
C ASP A 153 5.54 2.27 -17.04
N ARG A 154 4.80 3.00 -16.22
CA ARG A 154 3.64 2.45 -15.51
C ARG A 154 4.02 1.16 -14.79
N LEU A 155 5.02 1.26 -13.91
CA LEU A 155 5.40 0.17 -13.04
C LEU A 155 4.98 0.51 -11.63
N VAL A 156 4.41 -0.48 -10.97
CA VAL A 156 4.05 -0.35 -9.57
C VAL A 156 5.31 -0.30 -8.73
N LYS A 157 5.41 0.75 -7.92
CA LYS A 157 6.27 0.80 -6.76
C LYS A 157 5.34 0.92 -5.57
N ILE A 158 5.43 -0.02 -4.65
CA ILE A 158 4.65 0.05 -3.41
C ILE A 158 5.26 1.10 -2.49
N GLY A 159 4.43 1.94 -1.88
CA GLY A 159 4.92 3.00 -1.03
C GLY A 159 4.28 3.08 0.35
N ASP A 160 4.50 4.20 1.02
CA ASP A 160 4.01 4.46 2.37
C ASP A 160 4.12 3.24 3.31
N PHE A 161 5.30 3.10 3.91
CA PHE A 161 5.58 2.05 4.88
C PHE A 161 5.43 2.61 6.29
N GLY A 162 4.50 3.54 6.45
CA GLY A 162 4.26 4.19 7.73
C GLY A 162 3.76 3.27 8.82
N LEU A 163 3.07 2.20 8.42
CA LEU A 163 2.47 1.27 9.35
C LEU A 163 3.12 -0.12 9.30
N ALA A 164 4.22 -0.22 8.56
CA ALA A 164 4.86 -1.51 8.33
C ALA A 164 5.57 -2.00 9.60
N LYS A 165 5.61 -3.31 9.77
CA LYS A 165 6.18 -3.92 10.95
C LYS A 165 7.01 -5.15 10.61
N ALA A 166 8.00 -5.42 11.45
CA ALA A 166 8.70 -6.69 11.40
C ALA A 166 7.87 -7.70 12.16
N VAL A 167 7.49 -8.78 11.49
CA VAL A 167 6.91 -9.92 12.17
C VAL A 167 8.06 -10.66 12.85
N PRO A 168 8.05 -10.74 14.20
CA PRO A 168 9.11 -11.49 14.88
C PRO A 168 9.22 -12.91 14.33
N GLU A 169 10.44 -13.45 14.31
CA GLU A 169 10.68 -14.72 13.63
C GLU A 169 10.19 -15.92 14.45
N GLY A 170 9.50 -16.82 13.76
CA GLY A 170 8.73 -17.89 14.40
C GLY A 170 7.26 -17.55 14.56
N HIS A 171 6.87 -16.29 14.31
CA HIS A 171 5.50 -15.83 14.53
C HIS A 171 4.78 -15.60 13.20
N GLU A 172 3.45 -15.63 13.25
CA GLU A 172 2.61 -15.51 12.05
C GLU A 172 1.92 -14.14 11.96
N TYR A 173 1.81 -13.45 13.10
CA TYR A 173 1.16 -12.15 13.18
C TYR A 173 1.90 -11.16 14.08
N TYR A 174 1.43 -9.92 14.07
CA TYR A 174 1.96 -8.87 14.91
C TYR A 174 0.79 -8.04 15.48
N ARG A 175 0.80 -7.83 16.80
CA ARG A 175 -0.32 -7.19 17.50
C ARG A 175 -0.06 -5.72 17.81
N VAL A 176 -0.82 -4.83 17.17
CA VAL A 176 -0.76 -3.37 17.44
C VAL A 176 -2.12 -2.70 17.42
N ARG A 177 -2.46 -2.05 18.54
CA ARG A 177 -3.66 -1.25 18.64
C ARG A 177 -3.27 0.20 18.36
N GLU A 178 -3.56 0.64 17.15
CA GLU A 178 -3.17 1.97 16.67
C GLU A 178 -4.00 3.05 17.37
N ASP A 179 -3.34 3.91 18.15
CA ASP A 179 -4.04 4.96 18.91
C ASP A 179 -4.76 5.97 18.02
N GLY A 180 -4.21 6.22 16.83
CA GLY A 180 -4.84 7.10 15.85
C GLY A 180 -5.46 6.36 14.68
N ASP A 181 -5.51 7.01 13.53
CA ASP A 181 -6.23 6.51 12.36
C ASP A 181 -5.51 5.34 11.70
N SER A 182 -6.28 4.39 11.15
CA SER A 182 -5.76 3.31 10.31
C SER A 182 -6.80 2.96 9.25
N PRO A 183 -6.37 2.39 8.11
CA PRO A 183 -7.32 2.08 7.03
C PRO A 183 -8.19 0.84 7.34
N VAL A 184 -9.16 0.99 8.25
CA VAL A 184 -9.98 -0.14 8.70
C VAL A 184 -10.84 -0.77 7.60
N PHE A 185 -11.20 0.01 6.57
CA PHE A 185 -11.94 -0.55 5.44
C PHE A 185 -11.06 -1.35 4.48
N TRP A 186 -9.78 -1.51 4.82
CA TRP A 186 -8.87 -2.40 4.07
C TRP A 186 -8.41 -3.58 4.92
N TYR A 187 -8.95 -3.67 6.14
CA TYR A 187 -8.44 -4.55 7.18
C TYR A 187 -9.30 -5.78 7.39
N ALA A 188 -8.64 -6.92 7.56
CA ALA A 188 -9.30 -8.19 7.80
C ALA A 188 -9.98 -8.20 9.17
N PRO A 189 -10.94 -9.12 9.38
CA PRO A 189 -11.65 -9.13 10.65
C PRO A 189 -10.73 -9.37 11.87
N GLU A 190 -9.71 -10.21 11.71
CA GLU A 190 -8.77 -10.44 12.81
C GLU A 190 -8.06 -9.14 13.21
N CYS A 191 -7.84 -8.27 12.23
CA CYS A 191 -7.24 -6.96 12.47
C CYS A 191 -8.21 -6.04 13.20
N LEU A 192 -9.45 -5.99 12.72
CA LEU A 192 -10.49 -5.16 13.33
C LEU A 192 -10.87 -5.63 14.73
N LYS A 193 -10.80 -6.94 14.95
CA LYS A 193 -11.36 -7.56 16.15
C LYS A 193 -10.30 -7.80 17.22
N GLU A 194 -9.18 -8.39 16.82
CA GLU A 194 -8.13 -8.74 17.78
C GLU A 194 -6.88 -7.87 17.66
N TYR A 195 -6.88 -6.92 16.73
CA TYR A 195 -5.69 -6.12 16.45
C TYR A 195 -4.48 -6.99 16.15
N LYS A 196 -4.71 -8.12 15.49
CA LYS A 196 -3.65 -9.05 15.10
C LYS A 196 -3.48 -8.99 13.59
N PHE A 197 -2.25 -8.70 13.15
CA PHE A 197 -1.96 -8.51 11.74
C PHE A 197 -1.08 -9.61 11.23
N TYR A 198 -1.67 -10.53 10.48
CA TYR A 198 -0.93 -11.64 9.91
C TYR A 198 -0.34 -11.22 8.58
N TYR A 199 0.50 -12.08 8.02
CA TYR A 199 0.89 -11.92 6.63
C TYR A 199 -0.37 -11.99 5.76
N ALA A 200 -1.25 -12.92 6.10
CA ALA A 200 -2.50 -13.14 5.38
C ALA A 200 -3.41 -11.92 5.43
N SER A 201 -3.19 -11.05 6.40
CA SER A 201 -3.97 -9.82 6.49
C SER A 201 -3.65 -8.87 5.32
N ASP A 202 -2.38 -8.83 4.93
CA ASP A 202 -1.96 -8.05 3.76
C ASP A 202 -2.55 -8.59 2.48
N VAL A 203 -2.78 -9.89 2.43
CA VAL A 203 -3.48 -10.48 1.29
C VAL A 203 -4.95 -10.01 1.22
N TRP A 204 -5.63 -9.96 2.38
CA TRP A 204 -6.96 -9.35 2.44
C TRP A 204 -6.91 -7.94 1.83
N SER A 205 -5.98 -7.11 2.29
CA SER A 205 -5.84 -5.72 1.82
C SER A 205 -5.57 -5.68 0.32
N PHE A 206 -4.75 -6.59 -0.17
CA PHE A 206 -4.54 -6.70 -1.61
C PHE A 206 -5.87 -6.94 -2.31
N GLY A 207 -6.66 -7.88 -1.80
CA GLY A 207 -7.99 -8.12 -2.32
C GLY A 207 -8.80 -6.84 -2.49
N VAL A 208 -8.80 -6.01 -1.44
CA VAL A 208 -9.51 -4.73 -1.47
C VAL A 208 -8.86 -3.80 -2.49
N THR A 209 -7.53 -3.84 -2.56
CA THR A 209 -6.76 -3.05 -3.52
C THR A 209 -7.10 -3.43 -4.97
N LEU A 210 -7.42 -4.69 -5.21
CA LEU A 210 -7.80 -5.14 -6.55
C LEU A 210 -9.24 -4.71 -6.89
N TYR A 211 -10.13 -4.76 -5.90
CA TYR A 211 -11.47 -4.17 -6.02
C TYR A 211 -11.37 -2.71 -6.44
N GLU A 212 -10.45 -1.98 -5.81
CA GLU A 212 -10.23 -0.56 -6.14
C GLU A 212 -9.76 -0.39 -7.58
N LEU A 213 -8.76 -1.18 -7.95
CA LEU A 213 -8.28 -1.22 -9.33
C LEU A 213 -9.43 -1.29 -10.32
N LEU A 214 -10.30 -2.29 -10.14
CA LEU A 214 -11.35 -2.56 -11.11
C LEU A 214 -12.48 -1.56 -11.07
N THR A 215 -12.65 -0.86 -9.95
CA THR A 215 -13.57 0.30 -9.90
C THR A 215 -12.86 1.59 -10.35
N HIS A 216 -11.66 1.45 -10.93
CA HIS A 216 -10.81 2.59 -11.29
C HIS A 216 -10.77 3.67 -10.20
N CYS A 217 -10.92 3.23 -8.95
CA CYS A 217 -10.96 4.09 -7.78
C CYS A 217 -12.04 5.19 -7.83
N ASP A 218 -13.19 4.88 -8.43
CA ASP A 218 -14.34 5.77 -8.35
C ASP A 218 -14.66 5.98 -6.89
N SER A 219 -14.64 7.23 -6.44
CA SER A 219 -14.86 7.52 -5.02
C SER A 219 -16.25 7.07 -4.56
N SER A 220 -17.23 7.14 -5.47
CA SER A 220 -18.60 6.77 -5.12
C SER A 220 -18.76 5.26 -4.89
N GLN A 221 -17.85 4.47 -5.46
CA GLN A 221 -17.83 3.02 -5.29
C GLN A 221 -16.69 2.55 -4.35
N SER A 222 -16.06 3.49 -3.65
CA SER A 222 -14.90 3.17 -2.82
C SER A 222 -15.29 2.28 -1.64
N PRO A 223 -14.35 1.45 -1.17
CA PRO A 223 -14.65 0.50 -0.12
C PRO A 223 -15.39 1.10 1.08
N PRO A 224 -14.96 2.29 1.58
CA PRO A 224 -15.69 2.85 2.73
C PRO A 224 -17.12 3.29 2.37
N THR A 225 -17.29 3.85 1.17
CA THR A 225 -18.62 4.24 0.72
C THR A 225 -19.52 3.00 0.67
N LYS A 226 -19.00 1.94 0.06
CA LYS A 226 -19.77 0.71 -0.11
C LYS A 226 -20.09 0.05 1.21
N PHE A 227 -19.06 -0.15 2.04
CA PHE A 227 -19.23 -0.83 3.31
C PHE A 227 -20.26 -0.12 4.22
N LEU A 228 -20.28 1.20 4.20
CA LEU A 228 -21.23 1.97 5.03
C LEU A 228 -22.67 1.80 4.56
N GLU A 229 -22.87 1.72 3.25
CA GLU A 229 -24.17 1.43 2.65
C GLU A 229 -24.65 0.06 3.11
N LEU A 230 -23.77 -0.93 3.03
CA LEU A 230 -24.12 -2.29 3.39
C LEU A 230 -24.44 -2.40 4.88
N ILE A 231 -23.63 -1.76 5.71
CA ILE A 231 -23.88 -1.75 7.15
C ILE A 231 -25.29 -1.18 7.37
N GLY A 232 -25.59 -0.07 6.70
CA GLY A 232 -26.92 0.53 6.75
C GLY A 232 -27.10 1.46 7.93
N ILE A 233 -26.05 1.62 8.74
CA ILE A 233 -26.07 2.52 9.88
C ILE A 233 -25.04 3.62 9.65
N ALA A 234 -25.38 4.84 10.09
CA ALA A 234 -24.51 6.00 9.88
C ALA A 234 -23.18 5.85 10.61
N GLN A 235 -22.14 6.45 10.03
CA GLN A 235 -20.78 6.36 10.58
C GLN A 235 -20.74 6.85 12.03
N GLY A 236 -19.91 6.21 12.85
CA GLY A 236 -19.85 6.51 14.27
C GLY A 236 -19.04 5.50 15.05
N GLN A 237 -19.20 5.52 16.37
CA GLN A 237 -18.40 4.70 17.29
C GLN A 237 -18.60 3.18 17.13
N MET A 238 -19.77 2.77 16.65
CA MET A 238 -20.09 1.35 16.50
C MET A 238 -19.69 0.76 15.13
N THR A 239 -19.19 1.60 14.21
CA THR A 239 -18.92 1.16 12.83
C THR A 239 -18.01 -0.06 12.75
N VAL A 240 -16.83 0.05 13.35
CA VAL A 240 -15.86 -1.06 13.35
C VAL A 240 -16.51 -2.36 13.80
N LEU A 241 -17.36 -2.28 14.83
CA LEU A 241 -18.08 -3.45 15.32
C LEU A 241 -19.05 -3.96 14.25
N ARG A 242 -19.77 -3.06 13.62
CA ARG A 242 -20.74 -3.47 12.60
C ARG A 242 -20.07 -4.00 11.33
N LEU A 243 -19.00 -3.34 10.91
CA LEU A 243 -18.16 -3.81 9.82
C LEU A 243 -17.65 -5.22 10.09
N THR A 244 -17.21 -5.46 11.32
CA THR A 244 -16.72 -6.77 11.71
C THR A 244 -17.81 -7.82 11.65
N GLU A 245 -18.99 -7.49 12.17
CA GLU A 245 -20.13 -8.40 12.15
C GLU A 245 -20.63 -8.65 10.71
N LEU A 246 -20.53 -7.62 9.87
CA LEU A 246 -20.91 -7.71 8.48
C LEU A 246 -19.98 -8.68 7.74
N LEU A 247 -18.68 -8.42 7.85
CA LEU A 247 -17.69 -9.29 7.22
C LEU A 247 -17.74 -10.69 7.78
N GLU A 248 -18.11 -10.83 9.06
CA GLU A 248 -18.20 -12.14 9.69
C GLU A 248 -19.44 -12.89 9.20
N ARG A 249 -20.42 -12.16 8.69
CA ARG A 249 -21.61 -12.77 8.07
C ARG A 249 -21.33 -13.17 6.63
N GLY A 250 -20.18 -12.76 6.12
CA GLY A 250 -19.69 -13.21 4.82
C GLY A 250 -20.05 -12.28 3.69
N GLU A 251 -20.52 -11.07 4.01
CA GLU A 251 -20.80 -10.09 2.99
C GLU A 251 -19.50 -9.46 2.59
N ARG A 252 -19.45 -8.98 1.36
CA ARG A 252 -18.21 -8.49 0.79
C ARG A 252 -18.53 -7.34 -0.15
N LEU A 253 -17.49 -6.66 -0.62
CA LEU A 253 -17.66 -5.64 -1.64
C LEU A 253 -18.23 -6.30 -2.90
N PRO A 254 -19.13 -5.60 -3.61
CA PRO A 254 -19.80 -6.21 -4.76
C PRO A 254 -18.85 -6.39 -5.92
N ARG A 255 -19.14 -7.34 -6.80
CA ARG A 255 -18.36 -7.48 -8.02
C ARG A 255 -18.46 -6.17 -8.77
N PRO A 256 -17.31 -5.55 -9.08
CA PRO A 256 -17.36 -4.29 -9.83
C PRO A 256 -17.95 -4.49 -11.22
N ASP A 257 -18.44 -3.42 -11.82
CA ASP A 257 -19.04 -3.51 -13.14
C ASP A 257 -17.98 -4.00 -14.13
N LYS A 258 -18.40 -4.92 -15.00
CA LYS A 258 -17.53 -5.47 -16.05
C LYS A 258 -16.29 -6.19 -15.54
N CYS A 259 -16.26 -6.47 -14.24
CA CYS A 259 -15.24 -7.33 -13.65
C CYS A 259 -15.61 -8.80 -13.92
N PRO A 260 -14.70 -9.57 -14.55
CA PRO A 260 -15.01 -10.99 -14.76
C PRO A 260 -15.27 -11.75 -13.46
N CYS A 261 -16.05 -12.82 -13.56
CA CYS A 261 -16.39 -13.67 -12.41
C CYS A 261 -15.13 -14.29 -11.79
N GLU A 262 -14.27 -14.84 -12.64
CA GLU A 262 -13.00 -15.46 -12.24
C GLU A 262 -12.10 -14.51 -11.42
N VAL A 263 -12.17 -13.23 -11.72
CA VAL A 263 -11.36 -12.23 -11.05
C VAL A 263 -11.99 -11.85 -9.71
N TYR A 264 -13.32 -11.92 -9.63
CA TYR A 264 -14.03 -11.68 -8.38
C TYR A 264 -13.77 -12.84 -7.41
N HIS A 265 -13.72 -14.05 -7.94
CA HIS A 265 -13.40 -15.23 -7.14
C HIS A 265 -12.07 -15.07 -6.45
N LEU A 266 -11.12 -14.48 -7.17
CA LEU A 266 -9.78 -14.24 -6.66
C LEU A 266 -9.81 -13.27 -5.49
N MET A 267 -10.55 -12.18 -5.68
CA MET A 267 -10.80 -11.23 -4.61
C MET A 267 -11.49 -11.92 -3.43
N LYS A 268 -12.46 -12.78 -3.70
CA LYS A 268 -13.20 -13.45 -2.64
C LYS A 268 -12.32 -14.41 -1.85
N ASN A 269 -11.36 -15.05 -2.54
CA ASN A 269 -10.43 -15.95 -1.88
C ASN A 269 -9.43 -15.18 -1.02
N CYS A 270 -9.05 -14.00 -1.46
CA CYS A 270 -8.22 -13.11 -0.64
C CYS A 270 -9.03 -12.59 0.54
N TRP A 271 -10.36 -12.60 0.37
CA TRP A 271 -11.28 -12.17 1.42
C TRP A 271 -11.85 -13.32 2.23
N GLU A 272 -11.17 -14.46 2.27
CA GLU A 272 -11.59 -15.53 3.16
C GLU A 272 -11.56 -14.98 4.59
N THR A 273 -12.68 -15.10 5.29
CA THR A 273 -12.79 -14.68 6.70
C THR A 273 -11.64 -15.20 7.56
N GLU A 274 -11.51 -16.53 7.65
CA GLU A 274 -10.40 -17.16 8.38
C GLU A 274 -9.09 -16.96 7.60
N ALA A 275 -8.09 -16.41 8.28
CA ALA A 275 -6.83 -16.01 7.62
C ALA A 275 -6.03 -17.16 7.06
N SER A 276 -6.17 -18.36 7.64
CA SER A 276 -5.37 -19.50 7.18
C SER A 276 -5.80 -20.01 5.80
N PHE A 277 -7.00 -19.65 5.35
CA PHE A 277 -7.52 -20.13 4.07
C PHE A 277 -7.29 -19.16 2.91
N ARG A 278 -6.55 -18.09 3.12
CA ARG A 278 -6.27 -17.14 2.04
C ARG A 278 -5.04 -17.57 1.24
N PRO A 279 -4.99 -17.22 -0.05
CA PRO A 279 -3.77 -17.47 -0.80
C PRO A 279 -2.58 -16.69 -0.21
N THR A 280 -1.38 -17.23 -0.40
CA THR A 280 -0.16 -16.47 -0.10
C THR A 280 0.16 -15.62 -1.30
N PHE A 281 0.99 -14.59 -1.11
CA PHE A 281 1.39 -13.74 -2.24
C PHE A 281 2.22 -14.54 -3.24
N GLU A 282 2.91 -15.55 -2.76
CA GLU A 282 3.64 -16.47 -3.62
C GLU A 282 2.67 -17.17 -4.58
N ASN A 283 1.61 -17.74 -4.01
CA ASN A 283 0.60 -18.46 -4.78
C ASN A 283 -0.13 -17.56 -5.79
N LEU A 284 -0.30 -16.29 -5.43
CA LEU A 284 -1.08 -15.38 -6.27
C LEU A 284 -0.37 -14.99 -7.57
N ILE A 285 0.95 -15.11 -7.62
CA ILE A 285 1.72 -14.62 -8.77
C ILE A 285 1.46 -15.39 -10.07
N PRO A 286 1.64 -16.73 -10.07
CA PRO A 286 1.27 -17.48 -11.28
C PRO A 286 -0.18 -17.28 -11.71
N ILE A 287 -1.10 -17.29 -10.74
CA ILE A 287 -2.53 -17.13 -11.02
C ILE A 287 -2.83 -15.82 -11.76
N LEU A 288 -2.23 -14.73 -11.32
CA LEU A 288 -2.51 -13.43 -11.93
C LEU A 288 -1.92 -13.29 -13.33
N LYS A 289 -0.77 -13.92 -13.58
CA LYS A 289 -0.19 -13.95 -14.91
C LYS A 289 -1.12 -14.65 -15.89
N THR A 290 -1.64 -15.80 -15.46
CA THR A 290 -2.52 -16.63 -16.27
C THR A 290 -3.84 -15.90 -16.57
N VAL A 291 -4.36 -15.18 -15.57
CA VAL A 291 -5.62 -14.46 -15.76
C VAL A 291 -5.39 -13.19 -16.61
N HIS A 292 -4.29 -12.49 -16.37
CA HIS A 292 -3.89 -11.37 -17.23
C HIS A 292 -3.74 -11.78 -18.70
N GLU A 293 -3.18 -12.95 -18.94
CA GLU A 293 -3.06 -13.48 -20.30
C GLU A 293 -4.43 -13.59 -20.94
N LYS A 294 -5.33 -14.26 -20.24
CA LYS A 294 -6.67 -14.54 -20.73
C LYS A 294 -7.43 -13.30 -21.24
N TYR A 295 -7.13 -12.11 -20.69
CA TYR A 295 -7.85 -10.89 -21.06
C TYR A 295 -6.99 -9.84 -21.78
N HIS A 296 -5.79 -10.22 -22.24
CA HIS A 296 -4.89 -9.28 -22.92
C HIS A 296 -5.22 -9.14 -24.41
#